data_7N9H
#
_entry.id   7N9H
#
_cell.length_a   78.373
_cell.length_b   91.306
_cell.length_c   97.890
_cell.angle_alpha   90.000
_cell.angle_beta   90.000
_cell.angle_gamma   90.000
#
_symmetry.space_group_name_H-M   'P 21 21 21'
#
loop_
_entity.id
_entity.type
_entity.pdbx_description
1 polymer 'Importin subunit alpha-1'
2 polymer 'TAR DNA-binding protein 43'
3 water water
#
loop_
_entity_poly.entity_id
_entity_poly.type
_entity_poly.pdbx_seq_one_letter_code
_entity_poly.pdbx_strand_id
1 'polypeptide(L)'
;NQGTVNWSVEDIVKGINSNNLESQLQATQAARKLLSREKQPPIDNIIRAGLIPKFVSFLGKTDCSPIQFESAWALTNIAS
GTSEQTKAVVDGGAIPAFISLLASPHAHISEQAVWALGNIAGDGSAFRDLVIKHGAIDPLLALLAVPDLSTLACGYLRNL
TWTLSNLCRNKNPAPPLDAVEQILPTLVRLLHHNDPEVLADSCWAISYLTDGPNERIEMVVKKGVVPQLVKLLGATELPI
VTPALRAIGNIVTGTDEQTQKVIDAGALAVFPSLLTNPKTNIQKEATWTMSNITAGRQDQIQQVVNHGLVPFLVGVLSKA
DFKTQKEAAWAITNYTSGGTVEQIVYLVHCGIIEPLMNLLSAKDTKIIQVILDAISNIFQAAEKLGETEKLSIMIEECGG
LDKIEALQRHENESVYKASLNLIEKYFS
;
C
2 'polypeptide(L)' KDNKRKMDETDASSAVKVKRAVQK A
#
# COMPACT_ATOMS: atom_id res chain seq x y z
N ASN A 6 -25.22 -17.19 25.92
CA ASN A 6 -24.07 -18.08 25.69
C ASN A 6 -24.52 -19.52 25.50
N TRP A 7 -25.14 -19.79 24.35
CA TRP A 7 -25.58 -21.13 23.99
C TRP A 7 -24.39 -21.99 23.59
N SER A 8 -24.61 -23.29 23.59
CA SER A 8 -23.67 -24.24 23.02
C SER A 8 -23.96 -24.43 21.53
N VAL A 9 -22.94 -24.87 20.78
CA VAL A 9 -23.12 -25.08 19.34
C VAL A 9 -24.18 -26.14 19.08
N GLU A 10 -24.27 -27.15 19.95
CA GLU A 10 -25.30 -28.17 19.80
C GLU A 10 -26.71 -27.60 19.96
N ASP A 11 -26.89 -26.69 20.93
CA ASP A 11 -28.18 -26.03 21.09
C ASP A 11 -28.51 -25.16 19.89
N ILE A 12 -27.52 -24.45 19.34
CA ILE A 12 -27.74 -23.67 18.14
C ILE A 12 -28.19 -24.56 17.01
N VAL A 13 -27.52 -25.70 16.83
CA VAL A 13 -27.89 -26.64 15.76
C VAL A 13 -29.32 -27.12 15.94
N LYS A 14 -29.68 -27.51 17.16
CA LYS A 14 -31.05 -27.93 17.45
C LYS A 14 -32.05 -26.82 17.12
N GLY A 15 -31.76 -25.60 17.54
CA GLY A 15 -32.65 -24.48 17.22
C GLY A 15 -32.80 -24.28 15.72
N ILE A 16 -31.70 -24.36 14.97
CA ILE A 16 -31.72 -24.15 13.52
C ILE A 16 -32.50 -25.26 12.82
N ASN A 17 -32.39 -26.50 13.33
CA ASN A 17 -32.98 -27.68 12.70
C ASN A 17 -34.43 -27.91 13.06
N SER A 18 -34.96 -27.17 14.04
CA SER A 18 -36.40 -27.10 14.18
C SER A 18 -36.96 -26.40 12.95
N ASN A 19 -38.21 -26.67 12.62
CA ASN A 19 -38.75 -25.96 11.46
C ASN A 19 -39.44 -24.68 11.88
N ASN A 20 -39.00 -24.08 12.96
CA ASN A 20 -39.71 -22.99 13.63
C ASN A 20 -38.94 -21.70 13.39
N LEU A 21 -39.58 -20.77 12.67
CA LEU A 21 -38.84 -19.58 12.24
C LEU A 21 -38.34 -18.78 13.44
N GLU A 22 -39.14 -18.69 14.50
CA GLU A 22 -38.70 -17.92 15.66
C GLU A 22 -37.61 -18.65 16.43
N SER A 23 -37.76 -19.96 16.62
CA SER A 23 -36.66 -20.75 17.18
C SER A 23 -35.40 -20.59 16.36
N GLN A 24 -35.53 -20.63 15.03
CA GLN A 24 -34.37 -20.43 14.17
C GLN A 24 -33.77 -19.05 14.39
N LEU A 25 -34.60 -18.04 14.54
CA LEU A 25 -34.10 -16.68 14.75
C LEU A 25 -33.32 -16.59 16.06
N GLN A 26 -33.84 -17.20 17.13
CA GLN A 26 -33.16 -17.16 18.41
C GLN A 26 -31.83 -17.93 18.37
N ALA A 27 -31.82 -19.09 17.69
CA ALA A 27 -30.56 -19.82 17.52
C ALA A 27 -29.56 -19.01 16.69
N THR A 28 -30.01 -18.36 15.63
CA THR A 28 -29.08 -17.58 14.81
C THR A 28 -28.50 -16.42 15.60
N GLN A 29 -29.33 -15.76 16.43
CA GLN A 29 -28.82 -14.70 17.28
C GLN A 29 -27.79 -15.23 18.27
N ALA A 30 -28.08 -16.37 18.89
CA ALA A 30 -27.10 -16.98 19.79
C ALA A 30 -25.79 -17.27 19.05
N ALA A 31 -25.90 -17.70 17.78
CA ALA A 31 -24.70 -17.94 16.99
C ALA A 31 -23.94 -16.64 16.73
N ARG A 32 -24.67 -15.56 16.46
CA ARG A 32 -24.04 -14.26 16.23
C ARG A 32 -23.28 -13.82 17.47
N LYS A 33 -23.89 -13.97 18.64
CA LYS A 33 -23.25 -13.55 19.88
C LYS A 33 -22.01 -14.39 20.15
N LEU A 34 -22.09 -15.70 19.93
CA LEU A 34 -20.94 -16.57 20.04
C LEU A 34 -19.81 -16.13 19.10
N LEU A 35 -20.13 -15.89 17.83
CA LEU A 35 -19.13 -15.50 16.85
C LEU A 35 -18.63 -14.07 17.06
N SER A 36 -19.26 -13.30 17.94
CA SER A 36 -18.84 -11.93 18.18
C SER A 36 -17.93 -11.80 19.40
N ARG A 37 -17.67 -12.87 20.12
CA ARG A 37 -16.80 -12.75 21.28
C ARG A 37 -15.35 -12.61 20.84
N GLU A 38 -14.58 -11.85 21.62
CA GLU A 38 -13.19 -11.61 21.27
C GLU A 38 -12.30 -12.81 21.59
N LYS A 39 -12.67 -13.62 22.57
CA LYS A 39 -11.82 -14.71 23.05
C LYS A 39 -12.13 -16.00 22.27
N GLN A 40 -11.42 -16.19 21.14
CA GLN A 40 -11.46 -17.42 20.35
C GLN A 40 -12.88 -17.83 19.96
N PRO A 41 -13.53 -17.11 19.05
CA PRO A 41 -14.87 -17.51 18.60
C PRO A 41 -14.83 -18.86 17.89
N PRO A 42 -15.80 -19.75 18.18
CA PRO A 42 -15.77 -21.12 17.61
C PRO A 42 -16.24 -21.15 16.17
N ILE A 43 -15.46 -20.51 15.28
CA ILE A 43 -15.83 -20.48 13.86
C ILE A 43 -15.79 -21.89 13.28
N ASP A 44 -14.70 -22.61 13.51
CA ASP A 44 -14.57 -23.93 12.91
C ASP A 44 -15.66 -24.87 13.40
N ASN A 45 -16.10 -24.76 14.66
CA ASN A 45 -17.18 -25.62 15.13
C ASN A 45 -18.50 -25.31 14.44
N ILE A 46 -18.79 -24.01 14.27
CA ILE A 46 -19.99 -23.60 13.55
C ILE A 46 -19.95 -24.12 12.12
N ILE A 47 -18.78 -24.04 11.47
CA ILE A 47 -18.66 -24.50 10.10
C ILE A 47 -18.87 -26.01 10.03
N ARG A 48 -18.18 -26.76 10.88
CA ARG A 48 -18.27 -28.21 10.88
C ARG A 48 -19.69 -28.67 11.19
N ALA A 49 -20.46 -27.89 11.94
CA ALA A 49 -21.83 -28.28 12.23
C ALA A 49 -22.77 -28.11 11.04
N GLY A 50 -22.26 -27.64 9.89
CA GLY A 50 -23.07 -27.50 8.70
C GLY A 50 -24.01 -26.32 8.70
N LEU A 51 -23.72 -25.27 9.49
CA LEU A 51 -24.67 -24.18 9.67
C LEU A 51 -24.64 -23.14 8.55
N ILE A 52 -23.52 -23.02 7.82
CA ILE A 52 -23.40 -21.95 6.84
C ILE A 52 -24.50 -21.96 5.80
N PRO A 53 -24.86 -23.09 5.15
CA PRO A 53 -25.99 -23.08 4.21
C PRO A 53 -27.29 -22.59 4.81
N LYS A 54 -27.55 -22.89 6.08
CA LYS A 54 -28.75 -22.40 6.73
C LYS A 54 -28.71 -20.89 6.87
N PHE A 55 -27.57 -20.35 7.33
CA PHE A 55 -27.44 -18.90 7.42
C PHE A 55 -27.66 -18.25 6.06
N VAL A 56 -27.09 -18.85 5.01
CA VAL A 56 -27.25 -18.25 3.69
C VAL A 56 -28.71 -18.26 3.28
N SER A 57 -29.43 -19.35 3.55
CA SER A 57 -30.84 -19.33 3.15
C SER A 57 -31.63 -18.32 3.98
N PHE A 58 -31.25 -18.09 5.25
CA PHE A 58 -31.90 -17.07 6.03
C PHE A 58 -31.70 -15.68 5.45
N LEU A 59 -30.56 -15.46 4.76
CA LEU A 59 -30.33 -14.14 4.14
C LEU A 59 -31.46 -13.76 3.17
N GLY A 60 -32.13 -14.74 2.57
CA GLY A 60 -33.21 -14.41 1.65
C GLY A 60 -34.61 -14.32 2.24
N LYS A 61 -34.77 -14.36 3.57
CA LYS A 61 -36.11 -14.29 4.18
C LYS A 61 -36.50 -12.83 4.36
N THR A 62 -37.00 -12.24 3.27
CA THR A 62 -37.34 -10.83 3.26
C THR A 62 -38.46 -10.49 4.24
N ASP A 63 -39.34 -11.46 4.55
CA ASP A 63 -40.40 -11.21 5.52
C ASP A 63 -39.86 -11.09 6.95
N CYS A 64 -38.72 -11.71 7.24
CA CYS A 64 -38.15 -11.70 8.58
C CYS A 64 -36.79 -11.01 8.56
N SER A 65 -36.81 -9.68 8.54
CA SER A 65 -35.55 -8.95 8.49
C SER A 65 -34.66 -9.15 9.72
N PRO A 66 -35.17 -9.38 10.95
CA PRO A 66 -34.25 -9.72 12.05
C PRO A 66 -33.37 -10.93 11.77
N ILE A 67 -33.91 -11.98 11.14
CA ILE A 67 -33.08 -13.16 10.89
C ILE A 67 -32.13 -12.89 9.73
N GLN A 68 -32.52 -12.06 8.75
CA GLN A 68 -31.57 -11.60 7.74
C GLN A 68 -30.40 -10.91 8.42
N PHE A 69 -30.69 -10.03 9.37
CA PHE A 69 -29.63 -9.27 10.03
C PHE A 69 -28.70 -10.18 10.82
N GLU A 70 -29.27 -11.05 11.65
CA GLU A 70 -28.45 -11.92 12.50
C GLU A 70 -27.63 -12.90 11.66
N SER A 71 -28.20 -13.42 10.58
CA SER A 71 -27.45 -14.31 9.69
C SER A 71 -26.31 -13.56 9.01
N ALA A 72 -26.60 -12.35 8.52
CA ALA A 72 -25.57 -11.57 7.84
C ALA A 72 -24.42 -11.30 8.78
N TRP A 73 -24.73 -10.92 10.04
CA TRP A 73 -23.70 -10.64 11.03
C TRP A 73 -22.86 -11.88 11.35
N ALA A 74 -23.52 -13.02 11.58
CA ALA A 74 -22.80 -14.26 11.85
C ALA A 74 -21.87 -14.61 10.67
N LEU A 75 -22.40 -14.51 9.45
CA LEU A 75 -21.62 -14.89 8.27
C LEU A 75 -20.47 -13.91 8.03
N THR A 76 -20.69 -12.63 8.30
CA THR A 76 -19.63 -11.64 8.21
C THR A 76 -18.50 -11.96 9.18
N ASN A 77 -18.86 -12.37 10.40
CA ASN A 77 -17.83 -12.76 11.35
C ASN A 77 -17.07 -13.99 10.86
N ILE A 78 -17.76 -14.97 10.29
CA ILE A 78 -17.05 -16.13 9.75
C ILE A 78 -16.14 -15.71 8.58
N ALA A 79 -16.65 -14.87 7.67
CA ALA A 79 -15.87 -14.43 6.52
C ALA A 79 -14.68 -13.54 6.90
N SER A 80 -14.64 -13.03 8.13
CA SER A 80 -13.49 -12.23 8.56
C SER A 80 -12.31 -13.07 9.04
N GLY A 81 -12.44 -14.40 9.07
CA GLY A 81 -11.36 -15.22 9.60
C GLY A 81 -10.36 -15.65 8.54
N THR A 82 -9.87 -16.87 8.63
CA THR A 82 -8.86 -17.37 7.69
C THR A 82 -9.44 -17.52 6.28
N SER A 83 -8.55 -17.81 5.34
CA SER A 83 -9.00 -18.07 3.97
C SER A 83 -9.93 -19.27 3.91
N GLU A 84 -9.66 -20.32 4.68
CA GLU A 84 -10.55 -21.48 4.69
C GLU A 84 -11.95 -21.10 5.16
N GLN A 85 -12.04 -20.22 6.16
CA GLN A 85 -13.35 -19.81 6.66
C GLN A 85 -14.08 -18.90 5.67
N THR A 86 -13.36 -17.98 5.02
CA THR A 86 -13.98 -17.17 3.97
C THR A 86 -14.46 -18.05 2.83
N LYS A 87 -13.66 -19.05 2.46
CA LYS A 87 -14.06 -19.99 1.42
C LYS A 87 -15.30 -20.76 1.82
N ALA A 88 -15.41 -21.17 3.09
CA ALA A 88 -16.62 -21.88 3.50
C ALA A 88 -17.85 -20.99 3.32
N VAL A 89 -17.71 -19.71 3.63
CA VAL A 89 -18.83 -18.79 3.41
C VAL A 89 -19.17 -18.69 1.92
N VAL A 90 -18.17 -18.51 1.06
CA VAL A 90 -18.42 -18.44 -0.36
C VAL A 90 -19.04 -19.74 -0.88
N ASP A 91 -18.54 -20.87 -0.40
CA ASP A 91 -19.06 -22.17 -0.84
C ASP A 91 -20.48 -22.42 -0.38
N GLY A 92 -20.94 -21.72 0.65
CA GLY A 92 -22.36 -21.83 0.99
C GLY A 92 -23.31 -21.03 0.12
N GLY A 93 -22.81 -20.36 -0.92
CA GLY A 93 -23.65 -19.52 -1.76
C GLY A 93 -23.83 -18.10 -1.28
N ALA A 94 -22.98 -17.61 -0.39
CA ALA A 94 -23.23 -16.30 0.22
C ALA A 94 -23.16 -15.14 -0.77
N ILE A 95 -22.32 -15.21 -1.80
CA ILE A 95 -22.02 -13.98 -2.55
C ILE A 95 -23.27 -13.39 -3.20
N PRO A 96 -24.04 -14.12 -4.02
CA PRO A 96 -25.26 -13.52 -4.59
C PRO A 96 -26.29 -13.16 -3.54
N ALA A 97 -26.39 -13.93 -2.46
CA ALA A 97 -27.33 -13.60 -1.38
C ALA A 97 -26.99 -12.26 -0.74
N PHE A 98 -25.69 -11.99 -0.52
CA PHE A 98 -25.29 -10.69 0.01
C PHE A 98 -25.52 -9.56 -1.00
N ILE A 99 -25.26 -9.82 -2.28
CA ILE A 99 -25.48 -8.78 -3.28
C ILE A 99 -26.97 -8.43 -3.33
N SER A 100 -27.84 -9.42 -3.19
CA SER A 100 -29.27 -9.14 -3.10
C SER A 100 -29.58 -8.32 -1.86
N LEU A 101 -28.89 -8.60 -0.75
CA LEU A 101 -29.16 -7.85 0.47
C LEU A 101 -28.75 -6.37 0.38
N LEU A 102 -27.83 -6.02 -0.52
CA LEU A 102 -27.46 -4.61 -0.68
C LEU A 102 -28.67 -3.73 -0.99
N ALA A 103 -29.74 -4.30 -1.53
CA ALA A 103 -30.96 -3.54 -1.83
C ALA A 103 -31.93 -3.49 -0.67
N SER A 104 -31.56 -3.97 0.51
CA SER A 104 -32.52 -4.01 1.60
C SER A 104 -32.89 -2.60 2.03
N PRO A 105 -34.14 -2.34 2.40
CA PRO A 105 -34.51 -0.99 2.87
C PRO A 105 -34.00 -0.68 4.27
N HIS A 106 -33.49 -1.69 4.99
CA HIS A 106 -32.93 -1.46 6.33
C HIS A 106 -31.45 -1.18 6.19
N ALA A 107 -31.01 -0.01 6.65
CA ALA A 107 -29.61 0.38 6.48
C ALA A 107 -28.66 -0.56 7.21
N HIS A 108 -29.05 -1.06 8.40
CA HIS A 108 -28.14 -1.95 9.11
C HIS A 108 -27.95 -3.28 8.37
N ILE A 109 -28.96 -3.71 7.62
CA ILE A 109 -28.85 -4.97 6.88
C ILE A 109 -28.00 -4.78 5.62
N SER A 110 -28.25 -3.72 4.86
CA SER A 110 -27.40 -3.49 3.69
C SER A 110 -25.97 -3.19 4.09
N GLU A 111 -25.78 -2.51 5.22
CA GLU A 111 -24.43 -2.29 5.74
C GLU A 111 -23.74 -3.60 6.07
N GLN A 112 -24.47 -4.55 6.68
CA GLN A 112 -23.89 -5.86 6.96
C GLN A 112 -23.50 -6.58 5.68
N ALA A 113 -24.33 -6.50 4.64
CA ALA A 113 -23.96 -7.09 3.36
C ALA A 113 -22.72 -6.41 2.75
N VAL A 114 -22.63 -5.08 2.87
CA VAL A 114 -21.43 -4.36 2.40
C VAL A 114 -20.20 -4.91 3.12
N TRP A 115 -20.31 -5.06 4.44
CA TRP A 115 -19.18 -5.54 5.25
C TRP A 115 -18.78 -6.95 4.83
N ALA A 116 -19.78 -7.82 4.65
CA ALA A 116 -19.49 -9.20 4.27
C ALA A 116 -18.77 -9.26 2.93
N LEU A 117 -19.25 -8.49 1.95
CA LEU A 117 -18.62 -8.50 0.63
C LEU A 117 -17.20 -7.93 0.71
N GLY A 118 -16.95 -6.96 1.59
CA GLY A 118 -15.59 -6.49 1.79
C GLY A 118 -14.66 -7.57 2.32
N ASN A 119 -15.15 -8.39 3.25
CA ASN A 119 -14.29 -9.47 3.78
C ASN A 119 -14.01 -10.53 2.71
N ILE A 120 -15.06 -10.94 1.99
CA ILE A 120 -14.89 -11.93 0.95
C ILE A 120 -13.92 -11.41 -0.11
N ALA A 121 -14.13 -10.17 -0.59
CA ALA A 121 -13.26 -9.61 -1.61
C ALA A 121 -11.83 -9.42 -1.10
N GLY A 122 -11.68 -9.02 0.15
CA GLY A 122 -10.35 -8.86 0.68
C GLY A 122 -9.60 -10.15 0.90
N ASP A 123 -10.25 -11.31 0.78
CA ASP A 123 -9.49 -12.55 0.89
C ASP A 123 -8.39 -12.65 -0.17
N GLY A 124 -8.66 -12.24 -1.40
CA GLY A 124 -7.66 -12.35 -2.45
C GLY A 124 -8.25 -12.07 -3.82
N SER A 125 -7.38 -12.12 -4.83
CA SER A 125 -7.79 -11.65 -6.15
C SER A 125 -8.87 -12.55 -6.77
N ALA A 126 -8.82 -13.86 -6.54
CA ALA A 126 -9.88 -14.72 -7.06
C ALA A 126 -11.24 -14.38 -6.46
N PHE A 127 -11.35 -14.22 -5.14
CA PHE A 127 -12.65 -13.90 -4.56
C PHE A 127 -13.08 -12.48 -4.90
N ARG A 128 -12.12 -11.54 -4.98
CA ARG A 128 -12.46 -10.19 -5.42
C ARG A 128 -13.05 -10.23 -6.82
N ASP A 129 -12.43 -10.99 -7.71
CA ASP A 129 -12.96 -11.10 -9.07
C ASP A 129 -14.27 -11.85 -9.11
N LEU A 130 -14.47 -12.83 -8.22
CA LEU A 130 -15.76 -13.53 -8.17
C LEU A 130 -16.88 -12.61 -7.69
N VAL A 131 -16.58 -11.76 -6.70
CA VAL A 131 -17.55 -10.78 -6.23
C VAL A 131 -17.90 -9.80 -7.35
N ILE A 132 -16.89 -9.35 -8.10
CA ILE A 132 -17.17 -8.47 -9.24
C ILE A 132 -18.03 -9.19 -10.29
N LYS A 133 -17.71 -10.46 -10.57
CA LYS A 133 -18.45 -11.20 -11.59
C LYS A 133 -19.92 -11.40 -11.23
N HIS A 134 -20.23 -11.55 -9.93
CA HIS A 134 -21.61 -11.64 -9.48
C HIS A 134 -22.33 -10.29 -9.51
N GLY A 135 -21.64 -9.24 -9.90
CA GLY A 135 -22.27 -7.95 -10.11
C GLY A 135 -22.46 -7.10 -8.87
N ALA A 136 -21.48 -7.10 -7.96
CA ALA A 136 -21.59 -6.28 -6.75
C ALA A 136 -21.39 -4.77 -7.02
N ILE A 137 -20.67 -4.42 -8.08
CA ILE A 137 -20.21 -3.04 -8.19
C ILE A 137 -21.38 -2.08 -8.41
N ASP A 138 -22.31 -2.42 -9.29
CA ASP A 138 -23.45 -1.53 -9.52
C ASP A 138 -24.24 -1.24 -8.24
N PRO A 139 -24.72 -2.22 -7.48
CA PRO A 139 -25.45 -1.87 -6.25
C PRO A 139 -24.57 -1.20 -5.19
N LEU A 140 -23.29 -1.56 -5.08
CA LEU A 140 -22.43 -0.85 -4.13
C LEU A 140 -22.34 0.63 -4.49
N LEU A 141 -22.14 0.94 -5.78
CA LEU A 141 -22.02 2.34 -6.16
C LEU A 141 -23.37 3.05 -6.06
N ALA A 142 -24.47 2.34 -6.30
CA ALA A 142 -25.79 2.94 -6.15
C ALA A 142 -26.05 3.38 -4.71
N LEU A 143 -25.45 2.69 -3.74
CA LEU A 143 -25.55 3.17 -2.37
C LEU A 143 -24.90 4.54 -2.15
N LEU A 144 -23.98 4.97 -3.02
CA LEU A 144 -23.29 6.25 -2.84
C LEU A 144 -23.77 7.32 -3.82
N ALA A 145 -24.84 7.06 -4.58
CA ALA A 145 -25.32 7.99 -5.59
C ALA A 145 -26.18 9.07 -4.94
N VAL A 146 -25.51 9.89 -4.12
CA VAL A 146 -26.15 11.05 -3.50
C VAL A 146 -25.34 12.28 -3.89
N PRO A 147 -25.96 13.45 -4.03
CA PRO A 147 -25.20 14.66 -4.42
C PRO A 147 -24.09 15.01 -3.46
N ASP A 148 -24.30 14.75 -2.16
CA ASP A 148 -23.37 15.14 -1.11
C ASP A 148 -23.19 13.98 -0.14
N LEU A 149 -21.97 13.46 -0.04
CA LEU A 149 -21.68 12.32 0.81
C LEU A 149 -21.96 12.62 2.28
N SER A 150 -21.98 13.89 2.68
CA SER A 150 -22.16 14.27 4.08
C SER A 150 -23.54 13.93 4.62
N THR A 151 -24.49 13.58 3.76
CA THR A 151 -25.83 13.21 4.21
C THR A 151 -25.94 11.72 4.55
N LEU A 152 -24.90 10.94 4.32
CA LEU A 152 -24.91 9.55 4.70
C LEU A 152 -24.38 9.38 6.13
N ALA A 153 -24.80 8.28 6.75
CA ALA A 153 -24.32 7.97 8.08
C ALA A 153 -22.84 7.63 8.03
N CYS A 154 -22.09 8.16 9.01
CA CYS A 154 -20.64 8.06 9.05
C CYS A 154 -20.14 6.62 8.97
N GLY A 155 -20.69 5.74 9.83
CA GLY A 155 -20.25 4.36 9.83
C GLY A 155 -20.57 3.64 8.53
N TYR A 156 -21.76 3.93 7.99
CA TYR A 156 -22.15 3.37 6.70
C TYR A 156 -21.15 3.77 5.61
N LEU A 157 -20.80 5.06 5.57
CA LEU A 157 -19.87 5.54 4.55
C LEU A 157 -18.49 4.91 4.72
N ARG A 158 -18.04 4.75 5.97
CA ARG A 158 -16.75 4.12 6.21
C ARG A 158 -16.73 2.67 5.76
N ASN A 159 -17.83 1.94 5.99
CA ASN A 159 -17.87 0.55 5.57
C ASN A 159 -17.87 0.43 4.05
N LEU A 160 -18.64 1.28 3.38
CA LEU A 160 -18.62 1.27 1.92
C LEU A 160 -17.23 1.58 1.37
N THR A 161 -16.55 2.58 1.95
CA THR A 161 -15.22 2.93 1.44
C THR A 161 -14.24 1.78 1.65
N TRP A 162 -14.28 1.14 2.82
CA TRP A 162 -13.40 0.01 3.08
C TRP A 162 -13.66 -1.13 2.09
N THR A 163 -14.94 -1.42 1.83
CA THR A 163 -15.26 -2.50 0.89
C THR A 163 -14.82 -2.16 -0.54
N LEU A 164 -15.05 -0.92 -0.97
CA LEU A 164 -14.57 -0.48 -2.27
C LEU A 164 -13.06 -0.60 -2.38
N SER A 165 -12.33 -0.26 -1.32
CA SER A 165 -10.88 -0.38 -1.39
C SER A 165 -10.46 -1.84 -1.47
N ASN A 166 -11.21 -2.75 -0.85
CA ASN A 166 -10.89 -4.16 -1.03
C ASN A 166 -11.13 -4.62 -2.47
N LEU A 167 -12.14 -4.08 -3.14
CA LEU A 167 -12.30 -4.44 -4.56
C LEU A 167 -11.15 -3.93 -5.43
N CYS A 168 -10.35 -2.96 -4.98
CA CYS A 168 -9.19 -2.46 -5.70
C CYS A 168 -7.88 -3.16 -5.33
N ARG A 169 -7.89 -4.07 -4.35
CA ARG A 169 -6.65 -4.31 -3.60
C ARG A 169 -5.59 -5.16 -4.33
N ASN A 170 -5.91 -6.35 -4.81
CA ASN A 170 -4.71 -7.19 -5.07
C ASN A 170 -4.12 -6.99 -6.47
N LYS A 171 -3.01 -7.70 -6.76
CA LYS A 171 -2.18 -7.38 -7.92
C LYS A 171 -1.87 -8.51 -8.88
N ASN A 172 -2.12 -9.78 -8.53
CA ASN A 172 -1.79 -10.90 -9.42
C ASN A 172 -2.98 -11.81 -9.58
N PRO A 173 -3.92 -11.46 -10.47
CA PRO A 173 -3.89 -10.29 -11.36
C PRO A 173 -4.42 -9.01 -10.74
N ALA A 174 -4.21 -7.89 -11.42
CA ALA A 174 -4.88 -6.66 -11.04
C ALA A 174 -6.38 -6.78 -11.33
N PRO A 175 -7.20 -5.92 -10.72
CA PRO A 175 -8.64 -5.97 -10.98
C PRO A 175 -8.93 -5.64 -12.43
N PRO A 176 -10.08 -6.10 -12.96
CA PRO A 176 -10.40 -5.81 -14.37
C PRO A 176 -10.50 -4.31 -14.61
N LEU A 177 -10.04 -3.89 -15.80
CA LEU A 177 -10.02 -2.46 -16.13
C LEU A 177 -11.41 -1.84 -16.08
N ASP A 178 -12.42 -2.53 -16.61
CA ASP A 178 -13.76 -1.98 -16.59
C ASP A 178 -14.25 -1.74 -15.16
N ALA A 179 -13.93 -2.67 -14.25
CA ALA A 179 -14.32 -2.48 -12.85
C ALA A 179 -13.64 -1.26 -12.24
N VAL A 180 -12.34 -1.12 -12.49
CA VAL A 180 -11.61 0.04 -11.98
C VAL A 180 -12.21 1.33 -12.54
N GLU A 181 -12.44 1.34 -13.85
CA GLU A 181 -13.00 2.52 -14.50
C GLU A 181 -14.33 2.88 -13.88
N GLN A 182 -15.15 1.87 -13.58
CA GLN A 182 -16.47 2.12 -13.03
C GLN A 182 -16.40 2.63 -11.59
N ILE A 183 -15.38 2.21 -10.84
CA ILE A 183 -15.29 2.60 -9.44
C ILE A 183 -14.61 3.96 -9.27
N LEU A 184 -13.68 4.32 -10.17
CA LEU A 184 -12.80 5.46 -9.93
C LEU A 184 -13.50 6.78 -9.60
N PRO A 185 -14.53 7.23 -10.32
CA PRO A 185 -15.16 8.51 -9.94
C PRO A 185 -15.66 8.54 -8.49
N THR A 186 -16.29 7.48 -8.02
CA THR A 186 -16.73 7.42 -6.63
C THR A 186 -15.55 7.43 -5.69
N LEU A 187 -14.48 6.71 -6.04
CA LEU A 187 -13.28 6.72 -5.23
C LEU A 187 -12.69 8.13 -5.10
N VAL A 188 -12.71 8.92 -6.18
CA VAL A 188 -12.21 10.28 -6.11
C VAL A 188 -13.08 11.14 -5.22
N ARG A 189 -14.41 10.95 -5.31
CA ARG A 189 -15.32 11.61 -4.38
C ARG A 189 -14.95 11.33 -2.94
N LEU A 190 -14.70 10.06 -2.63
CA LEU A 190 -14.35 9.67 -1.26
C LEU A 190 -13.01 10.26 -0.86
N LEU A 191 -12.08 10.35 -1.82
CA LEU A 191 -10.78 10.96 -1.57
C LEU A 191 -10.88 12.45 -1.24
N HIS A 192 -11.98 13.10 -1.61
CA HIS A 192 -12.19 14.49 -1.22
C HIS A 192 -13.13 14.65 -0.02
N HIS A 193 -13.51 13.55 0.65
CA HIS A 193 -14.49 13.63 1.72
C HIS A 193 -13.81 13.84 3.08
N ASN A 194 -14.36 14.75 3.89
CA ASN A 194 -13.70 15.13 5.14
C ASN A 194 -14.11 14.19 6.28
N ASP A 195 -13.52 12.99 6.29
CA ASP A 195 -13.58 12.07 7.41
C ASP A 195 -12.27 11.30 7.41
N PRO A 196 -11.52 11.29 8.52
CA PRO A 196 -10.19 10.67 8.50
C PRO A 196 -10.18 9.21 8.07
N GLU A 197 -11.14 8.40 8.50
CA GLU A 197 -11.16 6.99 8.10
C GLU A 197 -11.47 6.83 6.61
N VAL A 198 -12.48 7.56 6.12
CA VAL A 198 -12.77 7.53 4.70
C VAL A 198 -11.55 7.95 3.89
N LEU A 199 -10.88 9.02 4.34
CA LEU A 199 -9.67 9.48 3.65
C LEU A 199 -8.61 8.39 3.63
N ALA A 200 -8.38 7.74 4.78
CA ALA A 200 -7.34 6.72 4.85
C ALA A 200 -7.63 5.58 3.88
N ASP A 201 -8.89 5.09 3.88
CA ASP A 201 -9.23 3.93 3.06
C ASP A 201 -9.26 4.26 1.57
N SER A 202 -9.72 5.47 1.22
CA SER A 202 -9.63 5.96 -0.16
C SER A 202 -8.18 5.99 -0.63
N CYS A 203 -7.30 6.55 0.19
CA CYS A 203 -5.88 6.58 -0.14
C CYS A 203 -5.33 5.19 -0.33
N TRP A 204 -5.75 4.23 0.51
CA TRP A 204 -5.26 2.87 0.31
C TRP A 204 -5.73 2.32 -1.04
N ALA A 205 -6.99 2.58 -1.40
CA ALA A 205 -7.49 2.13 -2.69
C ALA A 205 -6.65 2.73 -3.83
N ILE A 206 -6.37 4.03 -3.75
CA ILE A 206 -5.57 4.70 -4.78
C ILE A 206 -4.15 4.12 -4.81
N SER A 207 -3.60 3.82 -3.63
CA SER A 207 -2.27 3.21 -3.59
C SER A 207 -2.29 1.84 -4.25
N TYR A 208 -3.37 1.07 -4.07
CA TYR A 208 -3.49 -0.21 -4.75
C TYR A 208 -3.53 -0.02 -6.26
N LEU A 209 -4.36 0.93 -6.73
CA LEU A 209 -4.55 1.10 -8.16
C LEU A 209 -3.31 1.66 -8.86
N THR A 210 -2.40 2.32 -8.12
CA THR A 210 -1.19 2.83 -8.73
C THR A 210 0.00 1.88 -8.61
N ASP A 211 -0.19 0.71 -7.99
CA ASP A 211 0.89 -0.26 -7.86
C ASP A 211 0.80 -1.21 -9.07
N GLY A 212 1.61 -0.95 -10.09
CA GLY A 212 1.59 -1.80 -11.26
C GLY A 212 2.14 -1.10 -12.49
N PRO A 213 1.70 -1.55 -13.67
CA PRO A 213 2.20 -0.95 -14.92
C PRO A 213 1.77 0.50 -15.08
N ASN A 214 2.57 1.26 -15.84
CA ASN A 214 2.35 2.71 -15.98
C ASN A 214 0.99 3.05 -16.58
N GLU A 215 0.35 2.12 -17.31
CA GLU A 215 -1.01 2.35 -17.80
C GLU A 215 -2.01 2.52 -16.66
N ARG A 216 -1.89 1.68 -15.61
CA ARG A 216 -2.76 1.81 -14.44
C ARG A 216 -2.54 3.14 -13.73
N ILE A 217 -1.27 3.51 -13.56
CA ILE A 217 -0.96 4.81 -12.97
C ILE A 217 -1.62 5.91 -13.78
N GLU A 218 -1.49 5.84 -15.11
CA GLU A 218 -2.04 6.91 -15.94
C GLU A 218 -3.53 7.03 -15.74
N MET A 219 -4.22 5.91 -15.68
CA MET A 219 -5.67 6.01 -15.52
C MET A 219 -6.04 6.58 -14.16
N VAL A 220 -5.18 6.41 -13.14
CA VAL A 220 -5.42 7.13 -11.89
C VAL A 220 -5.13 8.64 -12.03
N VAL A 221 -4.02 8.99 -12.69
CA VAL A 221 -3.62 10.40 -12.64
C VAL A 221 -4.45 11.27 -13.57
N LYS A 222 -5.06 10.68 -14.62
CA LYS A 222 -5.96 11.48 -15.44
C LYS A 222 -7.23 11.86 -14.69
N LYS A 223 -7.52 11.26 -13.54
CA LYS A 223 -8.66 11.74 -12.76
C LYS A 223 -8.35 12.99 -11.95
N GLY A 224 -7.10 13.45 -11.92
CA GLY A 224 -6.77 14.66 -11.20
C GLY A 224 -6.55 14.52 -9.71
N VAL A 225 -6.29 13.30 -9.23
CA VAL A 225 -6.13 13.07 -7.80
C VAL A 225 -4.77 13.50 -7.23
N VAL A 226 -3.76 13.79 -8.05
CA VAL A 226 -2.42 14.05 -7.51
C VAL A 226 -2.38 15.24 -6.55
N PRO A 227 -2.98 16.40 -6.86
CA PRO A 227 -3.03 17.48 -5.85
C PRO A 227 -3.70 17.08 -4.54
N GLN A 228 -4.80 16.32 -4.59
CA GLN A 228 -5.42 15.91 -3.34
C GLN A 228 -4.52 14.94 -2.58
N LEU A 229 -3.81 14.07 -3.30
CA LEU A 229 -2.84 13.19 -2.64
C LEU A 229 -1.75 14.00 -1.94
N VAL A 230 -1.28 15.07 -2.57
CA VAL A 230 -0.22 15.89 -1.98
C VAL A 230 -0.74 16.61 -0.72
N LYS A 231 -1.96 17.15 -0.82
CA LYS A 231 -2.63 17.70 0.35
C LYS A 231 -2.70 16.68 1.48
N LEU A 232 -3.12 15.45 1.18
CA LEU A 232 -3.21 14.44 2.25
C LEU A 232 -1.83 14.01 2.72
N LEU A 233 -0.83 14.13 1.84
CA LEU A 233 0.55 13.86 2.21
C LEU A 233 0.97 14.78 3.33
N GLY A 234 0.45 16.00 3.33
CA GLY A 234 0.77 16.90 4.42
C GLY A 234 -0.10 16.82 5.64
N ALA A 235 -0.93 15.78 5.79
CA ALA A 235 -1.83 15.74 6.93
C ALA A 235 -1.07 15.43 8.21
N THR A 236 -1.77 15.53 9.34
CA THR A 236 -1.18 15.22 10.63
C THR A 236 -1.50 13.81 11.12
N GLU A 237 -2.48 13.13 10.52
CA GLU A 237 -2.83 11.77 10.91
C GLU A 237 -1.96 10.77 10.14
N LEU A 238 -1.15 10.00 10.87
CA LEU A 238 -0.37 8.93 10.25
C LEU A 238 -1.20 7.96 9.42
N PRO A 239 -2.41 7.53 9.81
CA PRO A 239 -3.18 6.62 8.94
C PRO A 239 -3.55 7.23 7.60
N ILE A 240 -3.51 8.55 7.45
CA ILE A 240 -3.71 9.18 6.16
C ILE A 240 -2.38 9.34 5.43
N VAL A 241 -1.33 9.79 6.13
CA VAL A 241 -0.07 10.05 5.48
C VAL A 241 0.50 8.76 4.88
N THR A 242 0.41 7.64 5.62
CA THR A 242 1.03 6.40 5.13
C THR A 242 0.51 5.98 3.76
N PRO A 243 -0.81 5.87 3.52
CA PRO A 243 -1.26 5.47 2.19
C PRO A 243 -1.10 6.56 1.15
N ALA A 244 -1.22 7.84 1.53
CA ALA A 244 -0.96 8.91 0.57
C ALA A 244 0.48 8.85 0.08
N LEU A 245 1.43 8.64 1.01
CA LEU A 245 2.83 8.51 0.61
C LEU A 245 3.04 7.29 -0.26
N ARG A 246 2.42 6.16 0.09
CA ARG A 246 2.55 4.99 -0.76
C ARG A 246 2.03 5.27 -2.17
N ALA A 247 0.90 5.97 -2.28
CA ALA A 247 0.34 6.30 -3.59
C ALA A 247 1.26 7.23 -4.39
N ILE A 248 1.82 8.26 -3.73
CA ILE A 248 2.77 9.16 -4.42
C ILE A 248 4.00 8.37 -4.87
N GLY A 249 4.52 7.48 -4.00
CA GLY A 249 5.69 6.71 -4.39
C GLY A 249 5.41 5.83 -5.61
N ASN A 250 4.24 5.19 -5.61
CA ASN A 250 3.85 4.38 -6.76
C ASN A 250 3.80 5.25 -8.01
N ILE A 251 3.21 6.45 -7.93
CA ILE A 251 3.08 7.27 -9.13
C ILE A 251 4.46 7.67 -9.67
N VAL A 252 5.41 8.01 -8.78
CA VAL A 252 6.72 8.40 -9.29
C VAL A 252 7.56 7.19 -9.73
N THR A 253 7.06 5.95 -9.58
CA THR A 253 7.73 4.88 -10.34
C THR A 253 7.35 4.85 -11.82
N GLY A 254 6.42 5.69 -12.28
CA GLY A 254 5.98 5.65 -13.67
C GLY A 254 6.83 6.47 -14.61
N THR A 255 6.20 7.02 -15.63
CA THR A 255 6.89 7.81 -16.64
C THR A 255 7.33 9.15 -16.06
N ASP A 256 8.19 9.84 -16.81
CA ASP A 256 8.70 11.12 -16.36
C ASP A 256 7.60 12.18 -16.28
N GLU A 257 6.57 12.04 -17.12
CA GLU A 257 5.43 12.97 -17.09
C GLU A 257 4.57 12.76 -15.85
N GLN A 258 4.35 11.50 -15.45
CA GLN A 258 3.59 11.23 -14.22
C GLN A 258 4.37 11.72 -12.99
N THR A 259 5.68 11.48 -12.98
CA THR A 259 6.51 12.02 -11.89
C THR A 259 6.42 13.55 -11.86
N GLN A 260 6.45 14.18 -13.04
CA GLN A 260 6.32 15.63 -13.11
C GLN A 260 4.99 16.12 -12.58
N LYS A 261 3.92 15.34 -12.77
CA LYS A 261 2.65 15.71 -12.17
C LYS A 261 2.78 15.74 -10.66
N VAL A 262 3.51 14.79 -10.10
CA VAL A 262 3.69 14.82 -8.64
C VAL A 262 4.49 16.07 -8.23
N ILE A 263 5.56 16.38 -8.95
CA ILE A 263 6.40 17.54 -8.62
C ILE A 263 5.61 18.85 -8.78
N ASP A 264 4.80 18.97 -9.84
CA ASP A 264 4.04 20.20 -10.09
C ASP A 264 3.01 20.45 -9.01
N ALA A 265 2.50 19.39 -8.37
CA ALA A 265 1.54 19.53 -7.29
C ALA A 265 2.20 20.05 -6.00
N GLY A 266 3.53 20.14 -5.96
CA GLY A 266 4.22 20.62 -4.77
C GLY A 266 4.63 19.55 -3.77
N ALA A 267 4.74 18.28 -4.19
CA ALA A 267 5.03 17.20 -3.24
C ALA A 267 6.36 17.41 -2.52
N LEU A 268 7.37 17.95 -3.23
CA LEU A 268 8.72 17.98 -2.68
C LEU A 268 8.81 18.84 -1.42
N ALA A 269 7.93 19.84 -1.28
CA ALA A 269 7.95 20.71 -0.11
C ALA A 269 7.56 19.98 1.16
N VAL A 270 6.87 18.85 1.05
CA VAL A 270 6.54 18.06 2.23
C VAL A 270 7.72 17.21 2.67
N PHE A 271 8.67 16.98 1.76
CA PHE A 271 9.65 15.93 2.03
C PHE A 271 10.66 16.20 3.16
N PRO A 272 10.99 17.45 3.50
CA PRO A 272 11.85 17.64 4.69
C PRO A 272 11.29 17.00 5.95
N SER A 273 9.98 17.06 6.18
CA SER A 273 9.46 16.42 7.38
C SER A 273 9.33 14.90 7.20
N LEU A 274 8.95 14.43 6.00
CA LEU A 274 8.85 12.99 5.78
C LEU A 274 10.21 12.30 5.93
N LEU A 275 11.27 12.90 5.39
CA LEU A 275 12.60 12.34 5.50
C LEU A 275 13.16 12.46 6.92
N THR A 276 12.48 13.16 7.84
CA THR A 276 12.91 13.18 9.23
C THR A 276 11.81 12.64 10.15
N ASN A 277 10.81 11.98 9.58
CA ASN A 277 9.68 11.52 10.38
C ASN A 277 10.14 10.49 11.41
N PRO A 278 9.64 10.59 12.64
CA PRO A 278 9.99 9.57 13.66
C PRO A 278 9.57 8.16 13.30
N LYS A 279 8.55 7.99 12.46
CA LYS A 279 8.11 6.65 12.08
C LYS A 279 9.02 6.13 10.98
N THR A 280 9.75 5.05 11.28
CA THR A 280 10.76 4.55 10.35
C THR A 280 10.15 4.19 9.01
N ASN A 281 8.92 3.64 9.00
CA ASN A 281 8.28 3.29 7.73
C ASN A 281 8.05 4.52 6.86
N ILE A 282 7.68 5.65 7.48
CA ILE A 282 7.51 6.87 6.70
C ILE A 282 8.84 7.31 6.10
N GLN A 283 9.92 7.33 6.90
CA GLN A 283 11.24 7.70 6.39
C GLN A 283 11.64 6.78 5.25
N LYS A 284 11.40 5.47 5.42
CA LYS A 284 11.80 4.50 4.41
C LYS A 284 11.05 4.72 3.10
N GLU A 285 9.72 4.90 3.17
CA GLU A 285 8.96 5.09 1.95
C GLU A 285 9.25 6.43 1.29
N ALA A 286 9.47 7.48 2.09
CA ALA A 286 9.86 8.78 1.55
C ALA A 286 11.20 8.69 0.83
N THR A 287 12.16 7.98 1.43
CA THR A 287 13.44 7.84 0.75
C THR A 287 13.31 7.03 -0.52
N TRP A 288 12.45 6.00 -0.51
CA TRP A 288 12.17 5.24 -1.74
C TRP A 288 11.60 6.13 -2.83
N THR A 289 10.59 6.96 -2.47
CA THR A 289 10.02 7.93 -3.40
C THR A 289 11.09 8.87 -3.95
N MET A 290 11.95 9.36 -3.06
CA MET A 290 13.03 10.25 -3.50
C MET A 290 13.93 9.54 -4.50
N SER A 291 14.25 8.27 -4.24
CA SER A 291 15.11 7.50 -5.13
C SER A 291 14.48 7.35 -6.50
N ASN A 292 13.16 7.25 -6.56
CA ASN A 292 12.54 7.21 -7.88
C ASN A 292 12.45 8.59 -8.53
N ILE A 293 12.43 9.66 -7.74
CA ILE A 293 12.47 10.98 -8.37
C ILE A 293 13.87 11.30 -8.92
N THR A 294 14.93 10.88 -8.21
CA THR A 294 16.27 11.15 -8.70
C THR A 294 16.66 10.23 -9.83
N ALA A 295 15.87 9.17 -10.08
CA ALA A 295 15.96 8.37 -11.29
C ALA A 295 15.36 9.06 -12.50
N GLY A 296 14.85 10.29 -12.35
CA GLY A 296 14.18 11.00 -13.42
C GLY A 296 15.09 11.85 -14.28
N ARG A 297 14.49 12.84 -14.94
CA ARG A 297 15.23 13.72 -15.84
C ARG A 297 16.09 14.71 -15.05
N GLN A 298 17.01 15.36 -15.77
CA GLN A 298 17.94 16.28 -15.13
C GLN A 298 17.21 17.44 -14.47
N ASP A 299 16.16 17.97 -15.13
CA ASP A 299 15.41 19.06 -14.52
C ASP A 299 14.65 18.60 -13.27
N GLN A 300 14.32 17.31 -13.17
CA GLN A 300 13.67 16.81 -11.96
C GLN A 300 14.65 16.65 -10.81
N ILE A 301 15.86 16.18 -11.11
CA ILE A 301 16.95 16.23 -10.14
C ILE A 301 17.17 17.66 -9.68
N GLN A 302 17.13 18.61 -10.61
CA GLN A 302 17.31 20.00 -10.23
C GLN A 302 16.21 20.47 -9.29
N GLN A 303 14.97 20.01 -9.51
CA GLN A 303 13.91 20.38 -8.57
C GLN A 303 14.20 19.81 -7.18
N VAL A 304 14.73 18.59 -7.12
CA VAL A 304 15.14 18.05 -5.83
C VAL A 304 16.19 18.97 -5.19
N VAL A 305 17.16 19.43 -5.97
CA VAL A 305 18.23 20.27 -5.44
C VAL A 305 17.64 21.59 -4.94
N ASN A 306 16.75 22.21 -5.72
CA ASN A 306 16.21 23.53 -5.39
C ASN A 306 15.36 23.51 -4.13
N HIS A 307 14.74 22.36 -3.80
CA HIS A 307 13.94 22.26 -2.60
C HIS A 307 14.78 22.01 -1.35
N GLY A 308 16.11 21.98 -1.50
CA GLY A 308 16.99 21.76 -0.38
C GLY A 308 16.98 20.33 0.12
N LEU A 309 16.70 19.37 -0.76
CA LEU A 309 16.53 18.00 -0.29
C LEU A 309 17.81 17.19 -0.30
N VAL A 310 18.86 17.64 -1.00
CA VAL A 310 20.13 16.90 -0.97
C VAL A 310 20.67 16.78 0.45
N PRO A 311 20.73 17.84 1.26
CA PRO A 311 21.17 17.65 2.66
C PRO A 311 20.33 16.65 3.44
N PHE A 312 19.02 16.55 3.17
CA PHE A 312 18.20 15.53 3.83
C PHE A 312 18.58 14.14 3.36
N LEU A 313 18.92 13.97 2.07
CA LEU A 313 19.39 12.68 1.61
C LEU A 313 20.72 12.33 2.25
N VAL A 314 21.63 13.31 2.37
CA VAL A 314 22.87 13.09 3.11
C VAL A 314 22.56 12.64 4.54
N GLY A 315 21.61 13.30 5.19
CA GLY A 315 21.31 12.98 6.58
C GLY A 315 20.76 11.57 6.75
N VAL A 316 19.81 11.17 5.90
CA VAL A 316 19.23 9.84 6.01
C VAL A 316 20.26 8.76 5.63
N LEU A 317 21.20 9.07 4.72
CA LEU A 317 22.29 8.14 4.47
C LEU A 317 23.22 8.05 5.69
N SER A 318 23.41 9.16 6.42
CA SER A 318 24.32 9.18 7.56
C SER A 318 23.76 8.36 8.72
N LYS A 319 22.48 8.58 9.07
CA LYS A 319 21.91 7.95 10.26
C LYS A 319 20.44 7.69 10.02
N ALA A 320 20.06 6.42 10.00
CA ALA A 320 18.68 5.99 9.89
C ALA A 320 18.67 4.48 10.08
N ASP A 321 17.46 3.92 10.12
CA ASP A 321 17.29 2.48 9.96
C ASP A 321 18.02 2.01 8.71
N PHE A 322 18.53 0.77 8.76
CA PHE A 322 19.36 0.26 7.66
C PHE A 322 18.59 0.17 6.35
N LYS A 323 17.31 -0.20 6.41
CA LYS A 323 16.50 -0.25 5.19
C LYS A 323 16.31 1.14 4.59
N THR A 324 16.10 2.15 5.43
CA THR A 324 16.05 3.52 4.92
C THR A 324 17.40 3.91 4.31
N GLN A 325 18.49 3.48 4.93
CA GLN A 325 19.82 3.79 4.38
C GLN A 325 20.01 3.12 3.02
N LYS A 326 19.48 1.89 2.85
CA LYS A 326 19.57 1.24 1.55
C LYS A 326 18.80 2.01 0.50
N GLU A 327 17.60 2.49 0.86
CA GLU A 327 16.85 3.34 -0.07
C GLU A 327 17.63 4.61 -0.40
N ALA A 328 18.29 5.21 0.61
CA ALA A 328 19.08 6.42 0.36
C ALA A 328 20.24 6.14 -0.59
N ALA A 329 20.89 5.00 -0.42
CA ALA A 329 21.97 4.61 -1.33
C ALA A 329 21.45 4.52 -2.75
N TRP A 330 20.27 3.91 -2.93
CA TRP A 330 19.64 3.86 -4.25
C TRP A 330 19.39 5.27 -4.79
N ALA A 331 18.91 6.17 -3.93
CA ALA A 331 18.65 7.54 -4.35
C ALA A 331 19.93 8.21 -4.85
N ILE A 332 21.04 7.99 -4.13
CA ILE A 332 22.33 8.58 -4.53
C ILE A 332 22.82 7.98 -5.84
N THR A 333 22.69 6.67 -6.01
CA THR A 333 23.17 6.07 -7.25
C THR A 333 22.34 6.54 -8.44
N ASN A 334 21.03 6.70 -8.25
CA ASN A 334 20.19 7.20 -9.35
C ASN A 334 20.52 8.66 -9.67
N TYR A 335 20.71 9.47 -8.62
CA TYR A 335 21.15 10.85 -8.81
C TYR A 335 22.45 10.91 -9.58
N THR A 336 23.46 10.13 -9.17
CA THR A 336 24.77 10.26 -9.78
C THR A 336 24.77 9.68 -11.19
N SER A 337 23.89 8.71 -11.45
CA SER A 337 23.78 8.13 -12.78
C SER A 337 23.16 9.12 -13.76
N GLY A 338 22.07 9.77 -13.37
CA GLY A 338 21.42 10.67 -14.31
C GLY A 338 21.76 12.13 -14.20
N GLY A 339 22.48 12.57 -13.16
CA GLY A 339 22.67 13.99 -12.92
C GLY A 339 23.76 14.61 -13.78
N THR A 340 23.67 15.93 -13.96
CA THR A 340 24.74 16.69 -14.61
C THR A 340 26.00 16.68 -13.75
N VAL A 341 27.11 17.06 -14.37
CA VAL A 341 28.38 17.19 -13.65
C VAL A 341 28.24 18.20 -12.51
N GLU A 342 27.58 19.34 -12.77
CA GLU A 342 27.36 20.32 -11.71
C GLU A 342 26.53 19.74 -10.57
N GLN A 343 25.50 18.96 -10.88
CA GLN A 343 24.68 18.38 -9.83
C GLN A 343 25.48 17.41 -8.99
N ILE A 344 26.33 16.59 -9.62
CA ILE A 344 27.18 15.66 -8.89
C ILE A 344 28.17 16.41 -8.00
N VAL A 345 28.77 17.49 -8.52
CA VAL A 345 29.68 18.31 -7.73
C VAL A 345 28.95 18.87 -6.51
N TYR A 346 27.72 19.33 -6.72
CA TYR A 346 26.92 19.86 -5.60
C TYR A 346 26.67 18.76 -4.56
N LEU A 347 26.36 17.54 -5.03
CA LEU A 347 26.14 16.43 -4.12
C LEU A 347 27.37 16.15 -3.25
N VAL A 348 28.56 16.13 -3.86
CA VAL A 348 29.80 15.93 -3.09
C VAL A 348 30.02 17.09 -2.12
N HIS A 349 29.72 18.31 -2.57
CA HIS A 349 29.88 19.48 -1.71
C HIS A 349 28.98 19.42 -0.48
N CYS A 350 27.84 18.75 -0.57
CA CYS A 350 26.94 18.59 0.56
C CYS A 350 27.41 17.53 1.56
N GLY A 351 28.46 16.78 1.21
CA GLY A 351 29.05 15.82 2.13
C GLY A 351 28.67 14.36 1.98
N ILE A 352 28.42 13.90 0.75
CA ILE A 352 27.95 12.52 0.58
C ILE A 352 29.05 11.45 0.74
N ILE A 353 30.32 11.84 0.60
CA ILE A 353 31.39 10.85 0.51
C ILE A 353 31.54 10.08 1.83
N GLU A 354 31.59 10.80 2.95
CA GLU A 354 31.83 10.13 4.23
C GLU A 354 30.71 9.15 4.58
N PRO A 355 29.42 9.50 4.52
CA PRO A 355 28.41 8.48 4.79
C PRO A 355 28.41 7.34 3.78
N LEU A 356 28.77 7.60 2.52
CA LEU A 356 28.91 6.50 1.56
C LEU A 356 30.00 5.52 2.00
N MET A 357 31.17 6.05 2.37
CA MET A 357 32.26 5.19 2.82
C MET A 357 31.87 4.41 4.08
N ASN A 358 31.19 5.08 5.01
CA ASN A 358 30.77 4.41 6.23
C ASN A 358 29.85 3.24 5.91
N LEU A 359 28.92 3.43 4.99
CA LEU A 359 28.00 2.35 4.64
C LEU A 359 28.69 1.24 3.84
N LEU A 360 29.83 1.53 3.21
CA LEU A 360 30.57 0.49 2.53
C LEU A 360 30.94 -0.69 3.44
N SER A 361 30.76 -0.56 4.76
CA SER A 361 31.04 -1.63 5.71
C SER A 361 29.84 -2.50 6.03
N ALA A 362 28.67 -2.24 5.43
CA ALA A 362 27.48 -3.03 5.71
C ALA A 362 27.64 -4.44 5.14
N LYS A 363 26.86 -5.37 5.71
CA LYS A 363 26.93 -6.78 5.30
C LYS A 363 26.10 -7.08 4.05
N ASP A 364 25.19 -6.20 3.67
CA ASP A 364 24.32 -6.44 2.52
C ASP A 364 25.10 -6.30 1.23
N THR A 365 24.97 -7.27 0.33
CA THR A 365 25.75 -7.25 -0.91
C THR A 365 25.21 -6.22 -1.91
N LYS A 366 23.88 -6.10 -2.00
CA LYS A 366 23.30 -5.16 -2.96
C LYS A 366 23.65 -3.71 -2.61
N ILE A 367 23.66 -3.37 -1.31
CA ILE A 367 24.00 -2.00 -0.96
C ILE A 367 25.45 -1.71 -1.30
N ILE A 368 26.34 -2.71 -1.18
CA ILE A 368 27.73 -2.50 -1.56
C ILE A 368 27.83 -2.25 -3.06
N GLN A 369 27.11 -3.05 -3.87
CA GLN A 369 27.12 -2.81 -5.31
C GLN A 369 26.58 -1.43 -5.64
N VAL A 370 25.51 -1.02 -4.94
CA VAL A 370 24.92 0.28 -5.21
C VAL A 370 25.90 1.41 -4.88
N ILE A 371 26.57 1.32 -3.73
CA ILE A 371 27.52 2.35 -3.34
C ILE A 371 28.70 2.40 -4.31
N LEU A 372 29.21 1.24 -4.73
CA LEU A 372 30.31 1.21 -5.69
C LEU A 372 29.91 1.80 -7.03
N ASP A 373 28.68 1.53 -7.48
CA ASP A 373 28.17 2.14 -8.69
C ASP A 373 28.11 3.66 -8.56
N ALA A 374 27.65 4.16 -7.41
CA ALA A 374 27.59 5.60 -7.20
C ALA A 374 28.99 6.21 -7.19
N ILE A 375 29.95 5.53 -6.55
CA ILE A 375 31.33 6.00 -6.55
C ILE A 375 31.88 6.05 -7.96
N SER A 376 31.59 5.03 -8.77
CA SER A 376 32.04 5.04 -10.16
C SER A 376 31.43 6.22 -10.93
N ASN A 377 30.14 6.49 -10.71
CA ASN A 377 29.51 7.62 -11.39
C ASN A 377 30.14 8.95 -11.00
N ILE A 378 30.43 9.12 -9.70
CA ILE A 378 31.07 10.36 -9.24
C ILE A 378 32.46 10.48 -9.83
N PHE A 379 33.18 9.35 -9.94
CA PHE A 379 34.51 9.36 -10.55
C PHE A 379 34.43 9.75 -12.02
N GLN A 380 33.40 9.29 -12.72
CA GLN A 380 33.21 9.70 -14.11
C GLN A 380 32.97 11.20 -14.22
N ALA A 381 32.18 11.77 -13.30
CA ALA A 381 32.01 13.21 -13.28
C ALA A 381 33.33 13.93 -13.01
N ALA A 382 34.12 13.41 -12.07
CA ALA A 382 35.42 13.99 -11.77
C ALA A 382 36.35 13.91 -12.98
N GLU A 383 36.32 12.78 -13.70
CA GLU A 383 37.08 12.63 -14.95
C GLU A 383 36.71 13.72 -15.93
N LYS A 384 35.41 13.92 -16.15
CA LYS A 384 34.97 14.99 -17.03
C LYS A 384 35.47 16.35 -16.54
N LEU A 385 35.62 16.53 -15.23
CA LEU A 385 36.17 17.77 -14.70
C LEU A 385 37.70 17.75 -14.54
N GLY A 386 38.34 16.59 -14.72
CA GLY A 386 39.78 16.51 -14.52
C GLY A 386 40.23 16.64 -13.07
N GLU A 387 39.38 16.28 -12.11
CA GLU A 387 39.71 16.35 -10.69
C GLU A 387 39.64 14.98 -10.04
N THR A 388 40.07 13.95 -10.76
CA THR A 388 40.01 12.59 -10.22
C THR A 388 40.92 12.40 -9.03
N GLU A 389 42.06 13.09 -9.00
CA GLU A 389 43.01 12.91 -7.92
C GLU A 389 42.49 13.51 -6.62
N LYS A 390 41.82 14.67 -6.69
CA LYS A 390 41.17 15.24 -5.50
C LYS A 390 40.11 14.29 -4.94
N LEU A 391 39.30 13.68 -5.83
CA LEU A 391 38.31 12.71 -5.38
C LEU A 391 38.96 11.52 -4.70
N SER A 392 40.04 10.99 -5.29
CA SER A 392 40.74 9.86 -4.67
C SER A 392 41.29 10.23 -3.30
N ILE A 393 41.87 11.43 -3.18
CA ILE A 393 42.37 11.89 -1.88
C ILE A 393 41.22 11.98 -0.88
N MET A 394 40.08 12.53 -1.31
CA MET A 394 38.94 12.67 -0.42
C MET A 394 38.42 11.31 0.05
N ILE A 395 38.36 10.34 -0.86
CA ILE A 395 37.90 9.00 -0.49
C ILE A 395 38.88 8.35 0.49
N GLU A 396 40.17 8.49 0.24
CA GLU A 396 41.16 7.94 1.16
C GLU A 396 41.07 8.59 2.53
N GLU A 397 40.87 9.91 2.57
CA GLU A 397 40.79 10.61 3.85
C GLU A 397 39.59 10.15 4.67
N CYS A 398 38.52 9.72 4.01
CA CYS A 398 37.34 9.21 4.71
C CYS A 398 37.43 7.73 5.04
N GLY A 399 38.57 7.09 4.78
CA GLY A 399 38.73 5.68 5.10
C GLY A 399 38.06 4.73 4.13
N GLY A 400 37.85 5.13 2.89
CA GLY A 400 37.18 4.28 1.93
C GLY A 400 38.14 3.46 1.08
N LEU A 401 39.40 3.89 1.01
CA LEU A 401 40.38 3.17 0.20
C LEU A 401 40.60 1.76 0.72
N ASP A 402 40.78 1.61 2.04
CA ASP A 402 40.99 0.28 2.59
C ASP A 402 39.74 -0.56 2.52
N LYS A 403 38.56 0.07 2.62
CA LYS A 403 37.32 -0.68 2.47
C LYS A 403 37.17 -1.24 1.06
N ILE A 404 37.47 -0.44 0.04
CA ILE A 404 37.42 -0.93 -1.34
C ILE A 404 38.51 -1.98 -1.56
N GLU A 405 39.70 -1.78 -1.00
CA GLU A 405 40.76 -2.76 -1.13
C GLU A 405 40.35 -4.11 -0.54
N ALA A 406 39.72 -4.08 0.64
CA ALA A 406 39.22 -5.31 1.24
C ALA A 406 38.12 -5.92 0.39
N LEU A 407 37.23 -5.09 -0.15
CA LEU A 407 36.10 -5.59 -0.94
C LEU A 407 36.53 -6.19 -2.28
N GLN A 408 37.73 -5.85 -2.78
CA GLN A 408 38.10 -6.45 -4.05
C GLN A 408 38.39 -7.94 -3.94
N ARG A 409 38.26 -8.54 -2.76
CA ARG A 409 38.30 -9.99 -2.58
C ARG A 409 36.99 -10.50 -1.99
N HIS A 410 35.88 -9.84 -2.31
CA HIS A 410 34.56 -10.24 -1.84
C HIS A 410 34.10 -11.52 -2.56
N GLU A 411 33.14 -12.22 -1.95
CA GLU A 411 32.62 -13.44 -2.56
C GLU A 411 31.79 -13.18 -3.82
N ASN A 412 31.38 -11.94 -4.06
CA ASN A 412 30.51 -11.60 -5.18
C ASN A 412 31.32 -11.11 -6.38
N GLU A 413 30.93 -11.57 -7.57
CA GLU A 413 31.69 -11.26 -8.78
C GLU A 413 31.57 -9.79 -9.17
N SER A 414 30.37 -9.22 -9.01
CA SER A 414 30.17 -7.81 -9.34
C SER A 414 30.98 -6.91 -8.43
N VAL A 415 31.02 -7.23 -7.13
CA VAL A 415 31.85 -6.48 -6.19
C VAL A 415 33.31 -6.61 -6.55
N TYR A 416 33.75 -7.84 -6.83
CA TYR A 416 35.08 -8.11 -7.36
C TYR A 416 35.46 -7.11 -8.43
N LYS A 417 34.70 -7.13 -9.54
CA LYS A 417 35.05 -6.33 -10.71
C LYS A 417 34.97 -4.84 -10.42
N ALA A 418 33.94 -4.38 -9.69
CA ALA A 418 33.80 -2.95 -9.43
C ALA A 418 34.94 -2.42 -8.58
N SER A 419 35.26 -3.09 -7.48
CA SER A 419 36.37 -2.65 -6.63
C SER A 419 37.70 -2.73 -7.37
N LEU A 420 37.93 -3.80 -8.13
CA LEU A 420 39.18 -3.93 -8.86
C LEU A 420 39.32 -2.81 -9.89
N ASN A 421 38.24 -2.51 -10.61
CA ASN A 421 38.30 -1.43 -11.60
C ASN A 421 38.58 -0.09 -10.93
N LEU A 422 37.95 0.16 -9.78
CA LEU A 422 38.19 1.41 -9.06
C LEU A 422 39.65 1.52 -8.63
N ILE A 423 40.20 0.44 -8.07
CA ILE A 423 41.59 0.48 -7.61
C ILE A 423 42.55 0.68 -8.80
N GLU A 424 42.31 -0.06 -9.89
CA GLU A 424 43.21 0.00 -11.04
C GLU A 424 43.10 1.31 -11.79
N LYS A 425 41.95 1.99 -11.70
CA LYS A 425 41.75 3.21 -12.49
C LYS A 425 42.07 4.49 -11.72
N TYR A 426 41.83 4.52 -10.40
CA TYR A 426 42.01 5.76 -9.64
C TYR A 426 42.93 5.63 -8.44
N PHE A 427 43.37 4.42 -8.10
CA PHE A 427 44.22 4.20 -6.92
C PHE A 427 45.40 3.31 -7.26
N ASP B 2 16.51 2.53 -17.24
CA ASP B 2 15.41 2.62 -16.28
C ASP B 2 15.90 2.30 -14.88
N ASN B 3 16.10 3.34 -14.08
CA ASN B 3 16.52 3.20 -12.69
C ASN B 3 15.34 3.18 -11.73
N LYS B 4 14.11 3.27 -12.22
CA LYS B 4 12.96 3.28 -11.34
C LYS B 4 12.66 1.88 -10.84
N ARG B 5 12.30 1.79 -9.56
CA ARG B 5 12.04 0.53 -8.89
C ARG B 5 10.63 0.57 -8.31
N LYS B 6 9.74 -0.26 -8.84
CA LYS B 6 8.38 -0.35 -8.35
C LYS B 6 8.33 -1.16 -7.05
N MET B 7 7.13 -1.26 -6.49
CA MET B 7 6.90 -2.11 -5.33
C MET B 7 7.03 -3.58 -5.73
N ASP B 8 7.40 -4.40 -4.75
CA ASP B 8 7.83 -5.81 -4.84
C ASP B 8 9.27 -5.92 -5.32
N GLU B 9 9.92 -4.82 -5.71
CA GLU B 9 11.37 -4.75 -5.84
C GLU B 9 12.03 -4.31 -4.54
N THR B 10 11.25 -3.79 -3.58
CA THR B 10 11.69 -3.46 -2.23
C THR B 10 10.67 -4.02 -1.25
N ASP B 11 11.16 -4.66 -0.18
CA ASP B 11 10.31 -5.19 0.90
C ASP B 11 9.35 -6.22 0.28
N ALA B 12 8.06 -6.20 0.62
CA ALA B 12 7.07 -7.11 0.06
C ALA B 12 5.82 -6.34 -0.36
N SER B 13 4.73 -7.05 -0.64
CA SER B 13 3.51 -6.39 -1.08
C SER B 13 2.91 -5.47 -0.04
N SER B 14 2.77 -5.96 1.20
CA SER B 14 2.23 -5.13 2.30
C SER B 14 0.73 -4.89 2.22
N ALA B 15 0.30 -3.83 2.90
CA ALA B 15 -1.08 -3.42 2.97
C ALA B 15 -1.56 -3.28 4.41
N VAL B 16 -2.85 -3.01 4.56
CA VAL B 16 -3.50 -2.95 5.88
C VAL B 16 -4.97 -3.37 5.73
N LYS B 17 -5.60 -3.67 6.87
CA LYS B 17 -7.03 -4.03 7.03
C LYS B 17 -7.47 -5.13 6.04
N VAL B 18 -6.86 -6.30 6.16
CA VAL B 18 -7.21 -7.40 5.26
C VAL B 18 -8.67 -7.79 5.44
N LYS B 19 -9.09 -7.98 6.68
CA LYS B 19 -10.47 -8.35 7.00
C LYS B 19 -10.84 -7.70 8.32
N ARG B 20 -12.13 -7.45 8.52
CA ARG B 20 -12.61 -6.84 9.76
C ARG B 20 -13.79 -7.63 10.31
N ALA B 21 -13.68 -8.02 11.58
CA ALA B 21 -14.82 -8.60 12.30
C ALA B 21 -15.68 -7.47 12.86
N VAL B 22 -16.95 -7.79 13.14
CA VAL B 22 -17.87 -6.78 13.65
C VAL B 22 -17.66 -6.55 15.15
N GLN B 23 -17.87 -7.60 15.96
CA GLN B 23 -17.60 -7.55 17.41
C GLN B 23 -18.33 -6.38 18.09
N LYS B 24 -19.56 -6.13 17.68
CA LYS B 24 -20.35 -5.03 18.25
C LYS B 24 -21.41 -5.57 19.20
#